data_7M9F
#
_entry.id   7M9F
#
_cell.length_a   90.900
_cell.length_b   90.900
_cell.length_c   56.140
_cell.angle_alpha   90.000
_cell.angle_beta   90.000
_cell.angle_gamma   120.000
#
_symmetry.space_group_name_H-M   'P 6'
#
loop_
_entity.id
_entity.type
_entity.pdbx_description
1 polymer 'HIV-1 capsid protein'
2 non-polymer N-(4-chlorophenyl)-Nalpha-[(5-hydroxy-1H-indol-3-yl)acetyl]-N-methyl-L-phenylalaninamide
3 non-polymer 'IODIDE ION'
4 water water
#
_entity_poly.entity_id   1
_entity_poly.type   'polypeptide(L)'
_entity_poly.pdbx_seq_one_letter_code
;PIVQNLQGQMVHQAISPRTLNAWVKVVEEKAFSPEVIPMFSALSEGATPQDLNTMLNTVGGHQAAMQMLKETINEEAAEW
DRLHPVHAGPIAPGQMREPRGSDIAGTTSTLQEQIGWMTHNPPIPVGEIYKRWIILGLNKIVRMYSPTSILDIRQGPKEP
FRDYVDRFYKTLRAEQASQEVKNWMTETLLVQNANPDCKTILKALGPGATLEEMMTACQGVGGPGHKARVL
;
_entity_poly.pdbx_strand_id   A
#
# COMPACT_ATOMS: atom_id res chain seq x y z
N PRO A 1 13.31 -10.01 -9.75
CA PRO A 1 12.48 -11.19 -9.38
C PRO A 1 13.21 -12.55 -9.56
N ILE A 2 12.56 -13.70 -9.36
CA ILE A 2 13.29 -15.00 -9.45
C ILE A 2 12.78 -15.87 -10.56
N VAL A 3 13.66 -16.70 -11.13
CA VAL A 3 13.29 -17.71 -12.15
C VAL A 3 14.27 -18.91 -12.15
N GLN A 4 13.85 -20.04 -12.77
CA GLN A 4 14.60 -21.34 -12.82
C GLN A 4 15.59 -21.51 -14.00
N ASN A 5 16.82 -21.92 -13.70
CA ASN A 5 17.82 -22.17 -14.75
C ASN A 5 17.41 -23.37 -15.65
N LEU A 6 18.17 -23.57 -16.72
CA LEU A 6 18.17 -24.83 -17.53
C LEU A 6 18.47 -25.99 -16.58
N GLN A 7 19.53 -25.82 -15.77
CA GLN A 7 19.94 -26.81 -14.73
C GLN A 7 19.10 -26.75 -13.44
N GLY A 8 18.23 -25.75 -13.33
CA GLY A 8 17.33 -25.60 -12.17
C GLY A 8 17.99 -25.14 -10.87
N GLN A 9 19.17 -24.54 -11.00
CA GLN A 9 19.67 -23.68 -9.94
C GLN A 9 18.77 -22.43 -10.04
N MET A 10 18.15 -22.05 -8.93
CA MET A 10 17.24 -20.89 -8.91
C MET A 10 18.06 -19.61 -9.08
N VAL A 11 17.66 -18.76 -10.04
CA VAL A 11 18.44 -17.58 -10.53
C VAL A 11 17.63 -16.28 -10.52
N HIS A 12 18.30 -15.18 -10.19
CA HIS A 12 17.69 -13.84 -10.11
C HIS A 12 17.38 -13.26 -11.46
N GLN A 13 16.28 -12.58 -11.61
CA GLN A 13 15.90 -11.95 -12.88
C GLN A 13 15.89 -10.44 -12.68
N ALA A 14 16.91 -9.77 -13.20
CA ALA A 14 16.98 -8.31 -13.29
C ALA A 14 15.64 -7.65 -13.58
N ILE A 15 15.42 -6.54 -12.91
CA ILE A 15 14.21 -5.77 -13.09
C ILE A 15 14.19 -5.15 -14.49
N SER A 16 13.07 -5.19 -15.18
CA SER A 16 13.03 -4.61 -16.53
C SER A 16 13.27 -3.09 -16.48
N PRO A 17 13.93 -2.50 -17.50
CA PRO A 17 13.99 -1.05 -17.70
C PRO A 17 12.66 -0.34 -17.71
N ARG A 18 11.65 -0.98 -18.25
CA ARG A 18 10.39 -0.33 -18.30
C ARG A 18 9.59 -0.49 -16.97
N THR A 19 9.89 -1.50 -16.18
CA THR A 19 9.32 -1.60 -14.83
C THR A 19 9.82 -0.38 -13.98
N LEU A 20 11.17 -0.15 -14.07
CA LEU A 20 11.86 0.97 -13.41
C LEU A 20 11.25 2.26 -13.82
N ASN A 21 11.22 2.44 -15.11
CA ASN A 21 10.74 3.68 -15.60
C ASN A 21 9.29 3.90 -15.19
N ALA A 22 8.50 2.83 -15.16
CA ALA A 22 7.11 2.92 -14.82
C ALA A 22 6.93 3.56 -13.46
N TRP A 23 7.62 2.98 -12.50
CA TRP A 23 7.56 3.33 -11.13
C TRP A 23 7.97 4.76 -10.89
N VAL A 24 9.02 5.19 -11.56
CA VAL A 24 9.46 6.55 -11.38
C VAL A 24 8.43 7.55 -11.85
N LYS A 25 7.81 7.26 -13.00
CA LYS A 25 6.91 8.24 -13.62
C LYS A 25 5.62 8.35 -12.83
N VAL A 26 5.13 7.21 -12.41
CA VAL A 26 4.06 7.13 -11.46
C VAL A 26 4.20 8.18 -10.36
N VAL A 27 5.36 8.14 -9.73
CA VAL A 27 5.66 8.96 -8.58
C VAL A 27 5.73 10.44 -8.94
N GLU A 28 6.41 10.75 -10.05
CA GLU A 28 6.50 12.11 -10.59
C GLU A 28 5.15 12.70 -10.95
N GLU A 29 4.24 11.87 -11.45
CA GLU A 29 2.95 12.36 -11.89
C GLU A 29 1.93 12.34 -10.78
N LYS A 30 1.93 11.29 -9.95
CA LYS A 30 0.85 11.07 -8.99
C LYS A 30 1.16 11.26 -7.47
N ALA A 31 2.42 11.50 -7.12
CA ALA A 31 2.84 11.78 -5.72
C ALA A 31 2.40 10.59 -4.88
N PHE A 32 1.66 10.81 -3.78
CA PHE A 32 1.13 9.73 -2.93
C PHE A 32 -0.37 9.85 -2.91
N SER A 33 -0.92 9.35 -3.97
CA SER A 33 -2.31 9.38 -4.11
C SER A 33 -2.55 7.90 -3.93
N PRO A 34 -3.74 7.54 -3.50
CA PRO A 34 -3.89 6.15 -3.11
C PRO A 34 -3.57 5.06 -4.14
N GLU A 35 -3.81 5.38 -5.41
CA GLU A 35 -3.54 4.46 -6.54
C GLU A 35 -2.04 4.07 -6.78
N VAL A 36 -1.17 4.90 -6.25
CA VAL A 36 0.24 4.69 -6.19
C VAL A 36 0.54 3.34 -5.60
N ILE A 37 -0.18 2.97 -4.55
CA ILE A 37 0.13 1.72 -3.84
C ILE A 37 -0.11 0.44 -4.64
N PRO A 38 -1.30 0.28 -5.24
CA PRO A 38 -1.56 -0.90 -6.09
C PRO A 38 -0.63 -0.96 -7.27
N MET A 39 -0.10 0.20 -7.66
CA MET A 39 0.86 0.25 -8.75
C MET A 39 2.25 -0.17 -8.27
N PHE A 40 2.71 0.38 -7.15
CA PHE A 40 3.97 -0.08 -6.59
C PHE A 40 3.91 -1.59 -6.39
N SER A 41 2.82 -2.00 -5.76
CA SER A 41 2.60 -3.43 -5.56
C SER A 41 2.66 -4.28 -6.87
N ALA A 42 2.06 -3.78 -7.96
CA ALA A 42 1.93 -4.55 -9.21
C ALA A 42 3.22 -4.64 -9.96
N LEU A 43 3.98 -3.56 -9.91
CA LEU A 43 5.35 -3.50 -10.47
C LEU A 43 6.43 -4.20 -9.66
N SER A 44 6.15 -4.54 -8.41
CA SER A 44 7.07 -5.29 -7.61
C SER A 44 6.67 -6.74 -7.37
N GLU A 45 5.66 -7.28 -8.05
CA GLU A 45 5.33 -8.70 -7.85
C GLU A 45 6.57 -9.54 -8.11
N GLY A 46 6.80 -10.58 -7.30
CA GLY A 46 8.02 -11.42 -7.39
C GLY A 46 9.34 -10.87 -6.82
N ALA A 47 9.33 -9.62 -6.40
CA ALA A 47 10.51 -8.92 -5.94
C ALA A 47 11.12 -9.52 -4.68
N THR A 48 12.45 -9.54 -4.67
CA THR A 48 13.27 -9.70 -3.49
C THR A 48 13.46 -8.39 -2.77
N PRO A 49 13.98 -8.44 -1.54
CA PRO A 49 14.24 -7.18 -0.85
C PRO A 49 15.14 -6.24 -1.62
N GLN A 50 16.19 -6.75 -2.21
CA GLN A 50 17.07 -5.91 -3.03
C GLN A 50 16.35 -5.13 -4.11
N ASP A 51 15.49 -5.86 -4.84
CA ASP A 51 14.65 -5.30 -5.88
C ASP A 51 13.75 -4.19 -5.34
N LEU A 52 13.16 -4.44 -4.17
CA LEU A 52 12.30 -3.47 -3.54
C LEU A 52 13.01 -2.23 -3.08
N ASN A 53 14.24 -2.38 -2.61
CA ASN A 53 15.07 -1.20 -2.20
C ASN A 53 15.50 -0.45 -3.45
N THR A 54 15.74 -1.18 -4.52
CA THR A 54 16.22 -0.56 -5.73
C THR A 54 15.19 0.44 -6.11
N MET A 55 13.97 -0.08 -6.13
CA MET A 55 12.84 0.63 -6.57
C MET A 55 12.57 1.86 -5.73
N LEU A 56 12.89 1.74 -4.46
CA LEU A 56 12.62 2.79 -3.56
C LEU A 56 13.71 3.86 -3.68
N ASN A 57 14.93 3.37 -3.90
CA ASN A 57 16.09 4.21 -4.16
C ASN A 57 15.93 5.10 -5.37
N THR A 58 15.10 4.69 -6.31
CA THR A 58 15.00 5.42 -7.54
C THR A 58 14.12 6.59 -7.43
N VAL A 59 13.37 6.72 -6.36
CA VAL A 59 12.62 7.94 -6.12
C VAL A 59 13.56 9.05 -5.60
N GLY A 60 13.54 10.19 -6.26
CA GLY A 60 14.22 11.39 -5.86
C GLY A 60 13.15 12.36 -5.49
N GLY A 61 13.44 13.19 -4.51
CA GLY A 61 12.45 14.07 -3.92
C GLY A 61 11.70 13.23 -2.88
N HIS A 62 10.61 13.81 -2.39
CA HIS A 62 9.80 13.17 -1.42
C HIS A 62 10.56 12.52 -0.27
N GLN A 63 11.70 13.11 0.14
CA GLN A 63 12.59 12.39 1.07
C GLN A 63 12.06 12.39 2.51
N ALA A 64 11.21 13.33 2.88
CA ALA A 64 10.52 13.21 4.17
C ALA A 64 9.72 11.92 4.21
N ALA A 65 8.81 11.77 3.26
CA ALA A 65 8.07 10.51 3.10
C ALA A 65 8.93 9.25 3.16
N MET A 66 10.09 9.31 2.52
CA MET A 66 10.96 8.18 2.47
C MET A 66 11.51 7.81 3.82
N GLN A 67 11.74 8.82 4.63
CA GLN A 67 12.25 8.63 5.98
C GLN A 67 11.13 8.08 6.88
N MET A 68 9.91 8.59 6.77
CA MET A 68 8.88 7.99 7.56
C MET A 68 8.77 6.51 7.28
N LEU A 69 8.87 6.22 6.00
CA LEU A 69 8.84 4.88 5.49
C LEU A 69 9.89 3.95 6.14
N LYS A 70 11.13 4.39 6.20
CA LYS A 70 12.15 3.62 6.96
C LYS A 70 11.80 3.42 8.47
N GLU A 71 11.26 4.47 9.05
CA GLU A 71 10.84 4.36 10.41
C GLU A 71 9.81 3.20 10.54
N THR A 72 8.95 3.10 9.57
CA THR A 72 7.91 2.12 9.57
C THR A 72 8.56 0.77 9.41
N ILE A 73 9.46 0.71 8.46
CA ILE A 73 10.22 -0.48 8.26
C ILE A 73 10.98 -0.99 9.51
N ASN A 74 11.51 -0.07 10.34
CA ASN A 74 12.25 -0.43 11.58
C ASN A 74 11.35 -0.98 12.66
N GLU A 75 10.15 -0.41 12.73
CA GLU A 75 9.19 -0.80 13.72
C GLU A 75 8.71 -2.24 13.51
N GLU A 76 8.46 -2.58 12.26
CA GLU A 76 8.11 -3.92 11.85
C GLU A 76 9.26 -4.91 12.01
N ALA A 77 10.46 -4.45 11.80
CA ALA A 77 11.64 -5.31 11.84
C ALA A 77 11.94 -5.72 13.29
N ALA A 78 11.85 -4.72 14.17
CA ALA A 78 11.93 -4.92 15.59
C ALA A 78 10.93 -5.95 16.06
N GLU A 79 9.69 -5.82 15.58
CA GLU A 79 8.59 -6.66 16.01
C GLU A 79 8.80 -8.10 15.50
N TRP A 80 9.15 -8.24 14.24
CA TRP A 80 9.66 -9.49 13.71
C TRP A 80 10.69 -10.22 14.59
N ASP A 81 11.77 -9.53 14.92
CA ASP A 81 12.81 -10.02 15.82
C ASP A 81 12.29 -10.44 17.17
N ARG A 82 11.28 -9.74 17.70
CA ARG A 82 10.72 -10.07 19.01
C ARG A 82 9.95 -11.43 19.01
N LEU A 83 9.13 -11.60 17.99
CA LEU A 83 8.42 -12.86 17.69
C LEU A 83 9.25 -14.01 17.05
N HIS A 84 10.45 -13.73 16.55
CA HIS A 84 11.32 -14.75 15.97
C HIS A 84 12.76 -14.45 16.41
N PRO A 85 13.13 -14.91 17.63
CA PRO A 85 14.47 -14.61 18.15
C PRO A 85 15.55 -15.50 17.52
N VAL A 86 16.70 -14.91 17.17
CA VAL A 86 17.79 -15.65 16.51
C VAL A 86 18.69 -16.38 17.50
N HIS A 87 19.00 -17.64 17.16
CA HIS A 87 19.93 -18.47 17.94
C HIS A 87 21.25 -18.09 17.28
N ALA A 88 22.23 -17.67 18.08
CA ALA A 88 23.44 -17.00 17.55
C ALA A 88 24.63 -17.94 17.65
N GLY A 89 25.83 -17.38 17.54
CA GLY A 89 27.07 -18.14 17.68
C GLY A 89 27.65 -18.57 16.34
N PRO A 90 28.13 -19.84 16.23
CA PRO A 90 28.59 -20.39 14.95
C PRO A 90 27.40 -20.73 14.03
N ILE A 91 27.67 -20.87 12.74
CA ILE A 91 26.64 -21.29 11.80
C ILE A 91 27.11 -22.59 11.12
N ALA A 92 26.20 -23.56 11.02
CA ALA A 92 26.46 -24.81 10.29
C ALA A 92 26.89 -24.59 8.84
N PRO A 93 28.17 -24.93 8.51
CA PRO A 93 28.74 -24.78 7.17
C PRO A 93 27.79 -25.15 6.02
N GLY A 94 27.54 -24.15 5.15
CA GLY A 94 26.78 -24.36 3.94
C GLY A 94 25.31 -24.10 4.11
N GLN A 95 24.73 -24.46 5.26
CA GLN A 95 23.30 -24.25 5.51
C GLN A 95 22.93 -22.80 5.89
N MET A 96 21.68 -22.48 5.62
CA MET A 96 21.22 -21.11 5.68
C MET A 96 20.78 -20.74 7.12
N ARG A 97 20.84 -19.45 7.35
CA ARG A 97 20.60 -18.92 8.64
C ARG A 97 19.18 -18.38 8.63
N GLU A 98 18.72 -18.05 9.82
CA GLU A 98 17.35 -17.55 10.03
C GLU A 98 17.44 -16.03 9.88
N PRO A 99 16.59 -15.45 9.00
CA PRO A 99 16.66 -14.02 8.73
C PRO A 99 16.10 -13.22 9.87
N ARG A 100 16.88 -12.25 10.30
CA ARG A 100 16.42 -11.21 11.17
C ARG A 100 15.70 -10.10 10.40
N GLY A 101 15.15 -9.18 11.19
CA GLY A 101 14.36 -8.06 10.73
C GLY A 101 15.17 -7.31 9.74
N SER A 102 16.36 -6.90 10.16
CA SER A 102 17.33 -6.35 9.23
C SER A 102 17.61 -7.20 7.95
N ASP A 103 17.57 -8.55 8.04
CA ASP A 103 17.89 -9.40 6.85
C ASP A 103 16.77 -9.35 5.85
N ILE A 104 15.56 -9.35 6.37
CA ILE A 104 14.34 -9.15 5.57
C ILE A 104 14.30 -7.80 4.81
N ALA A 105 14.66 -6.74 5.52
CA ALA A 105 14.62 -5.42 4.97
C ALA A 105 15.76 -5.17 3.95
N GLY A 106 16.72 -6.10 3.90
CA GLY A 106 17.84 -6.05 2.95
C GLY A 106 19.09 -5.33 3.45
N THR A 107 19.07 -4.83 4.70
CA THR A 107 20.21 -4.08 5.21
C THR A 107 21.36 -5.03 5.44
N THR A 108 21.08 -6.15 6.09
CA THR A 108 22.12 -7.04 6.51
C THR A 108 22.20 -8.34 5.75
N SER A 109 21.69 -8.38 4.52
CA SER A 109 21.53 -9.63 3.79
C SER A 109 21.94 -9.42 2.34
N THR A 110 22.55 -10.45 1.76
CA THR A 110 22.91 -10.43 0.37
C THR A 110 21.75 -10.94 -0.45
N LEU A 111 21.74 -10.49 -1.68
CA LEU A 111 20.89 -11.07 -2.67
C LEU A 111 20.91 -12.63 -2.60
N GLN A 112 22.10 -13.23 -2.60
CA GLN A 112 22.23 -14.68 -2.66
C GLN A 112 21.52 -15.31 -1.48
N GLU A 113 21.84 -14.81 -0.28
CA GLU A 113 21.08 -15.11 0.93
C GLU A 113 19.57 -15.00 0.78
N GLN A 114 19.07 -13.97 0.07
CA GLN A 114 17.61 -13.73 -0.08
C GLN A 114 16.87 -14.81 -0.94
N ILE A 115 17.36 -14.97 -2.18
CA ILE A 115 16.94 -16.05 -3.08
C ILE A 115 16.90 -17.40 -2.33
N GLY A 116 17.95 -17.66 -1.56
CA GLY A 116 18.03 -18.82 -0.69
C GLY A 116 16.85 -19.00 0.22
N TRP A 117 16.46 -17.96 0.92
CA TRP A 117 15.27 -18.02 1.79
C TRP A 117 13.96 -18.21 0.99
N MET A 118 13.89 -17.55 -0.18
CA MET A 118 12.64 -17.45 -0.90
C MET A 118 12.30 -18.73 -1.60
N THR A 119 13.32 -19.50 -1.97
CA THR A 119 13.12 -20.65 -2.79
C THR A 119 13.44 -21.92 -2.06
N HIS A 120 12.94 -22.01 -0.86
CA HIS A 120 13.28 -23.12 -0.01
C HIS A 120 12.10 -24.08 0.07
N ASN A 121 12.32 -25.35 0.44
CA ASN A 121 11.23 -26.23 0.89
C ASN A 121 11.38 -26.32 2.40
N PRO A 122 10.48 -25.73 3.20
CA PRO A 122 9.47 -24.81 2.78
C PRO A 122 10.08 -23.38 2.62
N PRO A 123 9.48 -22.53 1.77
CA PRO A 123 10.07 -21.25 1.40
C PRO A 123 9.80 -20.20 2.46
N ILE A 124 10.83 -19.49 2.87
CA ILE A 124 10.67 -18.30 3.73
C ILE A 124 10.55 -17.02 2.87
N PRO A 125 9.31 -16.51 2.63
CA PRO A 125 9.09 -15.52 1.56
C PRO A 125 9.42 -14.19 2.05
N VAL A 126 10.70 -13.89 2.15
CA VAL A 126 11.16 -12.63 2.74
C VAL A 126 10.74 -11.39 1.92
N GLY A 127 10.63 -11.55 0.62
CA GLY A 127 10.22 -10.47 -0.26
C GLY A 127 8.79 -10.09 -0.03
N GLU A 128 7.94 -11.10 0.22
CA GLU A 128 6.54 -10.84 0.50
C GLU A 128 6.37 -10.13 1.83
N ILE A 129 7.19 -10.52 2.79
CA ILE A 129 7.11 -9.98 4.14
C ILE A 129 7.57 -8.53 4.17
N TYR A 130 8.71 -8.26 3.54
CA TYR A 130 9.15 -6.89 3.38
C TYR A 130 8.14 -6.00 2.66
N LYS A 131 7.52 -6.50 1.63
CA LYS A 131 6.52 -5.75 0.89
C LYS A 131 5.29 -5.33 1.75
N ARG A 132 4.87 -6.21 2.67
CA ARG A 132 3.80 -5.87 3.62
C ARG A 132 4.22 -4.64 4.39
N TRP A 133 5.43 -4.67 4.96
CA TRP A 133 5.96 -3.54 5.73
C TRP A 133 5.97 -2.24 4.94
N ILE A 134 6.38 -2.37 3.69
CA ILE A 134 6.52 -1.19 2.89
C ILE A 134 5.15 -0.57 2.67
N ILE A 135 4.21 -1.43 2.29
CA ILE A 135 2.87 -1.03 1.96
C ILE A 135 2.15 -0.48 3.19
N LEU A 136 2.41 -1.07 4.32
CA LEU A 136 1.93 -0.48 5.55
C LEU A 136 2.47 0.99 5.69
N GLY A 137 3.76 1.17 5.44
CA GLY A 137 4.36 2.49 5.46
C GLY A 137 3.77 3.38 4.40
N LEU A 138 3.61 2.83 3.18
CA LEU A 138 3.07 3.65 2.09
C LEU A 138 1.66 4.20 2.39
N ASN A 139 0.80 3.38 3.03
CA ASN A 139 -0.48 3.78 3.55
C ASN A 139 -0.37 4.95 4.49
N LYS A 140 0.56 4.88 5.43
CA LYS A 140 0.70 5.97 6.42
C LYS A 140 1.05 7.26 5.72
N ILE A 141 1.90 7.17 4.71
CA ILE A 141 2.28 8.35 3.97
C ILE A 141 1.07 8.99 3.25
N VAL A 142 0.25 8.12 2.69
CA VAL A 142 -0.91 8.53 1.91
C VAL A 142 -1.90 9.30 2.75
N ARG A 143 -2.15 8.77 3.94
CA ARG A 143 -3.05 9.35 4.92
C ARG A 143 -2.55 10.68 5.31
N MET A 144 -1.28 10.74 5.68
CA MET A 144 -0.65 11.95 6.11
C MET A 144 -0.69 13.06 5.04
N TYR A 145 -0.49 12.68 3.78
CA TYR A 145 -0.33 13.66 2.72
C TYR A 145 -1.66 14.00 2.04
N SER A 146 -2.77 13.59 2.64
CA SER A 146 -4.10 13.88 2.17
C SER A 146 -4.59 15.26 2.66
N PRO A 147 -4.87 16.18 1.74
CA PRO A 147 -5.15 17.57 2.12
C PRO A 147 -6.39 17.82 2.99
N THR A 148 -7.43 16.97 2.86
CA THR A 148 -8.71 17.16 3.54
C THR A 148 -9.21 15.89 4.26
N SER A 149 -10.07 16.13 5.26
CA SER A 149 -10.73 15.08 6.01
C SER A 149 -12.12 14.72 5.52
N ILE A 150 -12.48 13.44 5.74
CA ILE A 150 -13.79 12.93 5.40
C ILE A 150 -14.86 13.79 6.06
N LEU A 151 -14.58 14.30 7.24
CA LEU A 151 -15.53 15.20 7.89
C LEU A 151 -15.83 16.50 7.17
N ASP A 152 -14.98 16.99 6.27
CA ASP A 152 -15.16 18.35 5.64
C ASP A 152 -15.71 18.31 4.21
N ILE A 153 -16.01 17.09 3.76
CA ILE A 153 -16.57 16.80 2.46
C ILE A 153 -18.08 17.03 2.54
N ARG A 154 -18.54 18.18 2.07
CA ARG A 154 -19.95 18.53 1.99
C ARG A 154 -20.37 18.78 0.53
N GLN A 155 -21.60 18.51 0.16
CA GLN A 155 -22.01 18.71 -1.23
C GLN A 155 -22.38 20.15 -1.43
N GLY A 156 -21.92 20.72 -2.53
CA GLY A 156 -22.12 22.09 -2.88
C GLY A 156 -23.56 22.36 -3.21
N PRO A 157 -23.97 23.65 -3.07
CA PRO A 157 -25.35 23.98 -3.49
C PRO A 157 -25.61 23.58 -4.93
N LYS A 158 -24.65 23.89 -5.81
CA LYS A 158 -24.67 23.60 -7.24
C LYS A 158 -23.89 22.33 -7.67
N GLU A 159 -23.40 21.51 -6.74
CA GLU A 159 -22.60 20.34 -7.10
C GLU A 159 -23.49 19.16 -7.53
N PRO A 160 -23.33 18.67 -8.78
CA PRO A 160 -24.04 17.40 -9.01
C PRO A 160 -23.61 16.32 -7.99
N PHE A 161 -24.59 15.51 -7.62
CA PHE A 161 -24.38 14.43 -6.66
C PHE A 161 -23.26 13.47 -7.05
N ARG A 162 -23.08 13.24 -8.34
CA ARG A 162 -22.04 12.33 -8.78
C ARG A 162 -20.68 12.84 -8.36
N ASP A 163 -20.54 14.16 -8.37
CA ASP A 163 -19.23 14.75 -8.04
C ASP A 163 -18.91 14.79 -6.61
N TYR A 164 -19.92 15.07 -5.81
CA TYR A 164 -19.83 14.99 -4.34
C TYR A 164 -19.43 13.56 -3.88
N VAL A 165 -20.11 12.55 -4.42
CA VAL A 165 -19.74 11.17 -4.16
C VAL A 165 -18.29 10.87 -4.58
N ASP A 166 -17.92 11.36 -5.74
CA ASP A 166 -16.54 11.27 -6.20
C ASP A 166 -15.52 11.80 -5.23
N ARG A 167 -15.82 12.93 -4.58
CA ARG A 167 -14.88 13.52 -3.59
C ARG A 167 -14.95 12.80 -2.23
N PHE A 168 -16.14 12.36 -1.86
CA PHE A 168 -16.30 11.60 -0.68
C PHE A 168 -15.48 10.33 -0.79
N TYR A 169 -15.69 9.54 -1.86
CA TYR A 169 -14.98 8.27 -2.00
C TYR A 169 -13.48 8.43 -2.28
N LYS A 170 -13.11 9.52 -2.96
CA LYS A 170 -11.68 9.79 -3.15
C LYS A 170 -11.02 10.00 -1.82
N THR A 171 -11.54 10.95 -1.01
CA THR A 171 -11.07 11.24 0.36
C THR A 171 -11.10 10.05 1.31
N LEU A 172 -12.19 9.33 1.28
CA LEU A 172 -12.34 8.15 2.11
C LEU A 172 -11.27 7.04 1.84
N ARG A 173 -10.81 6.93 0.59
CA ARG A 173 -9.83 5.93 0.23
C ARG A 173 -8.48 6.28 0.88
N ALA A 174 -8.25 7.58 1.12
CA ALA A 174 -7.02 8.12 1.76
C ALA A 174 -7.02 8.08 3.25
N GLU A 175 -8.03 7.54 3.89
CA GLU A 175 -8.19 7.73 5.30
C GLU A 175 -7.56 6.55 6.01
N GLN A 176 -7.16 6.81 7.28
CA GLN A 176 -6.80 5.82 8.33
C GLN A 176 -8.00 5.10 8.85
N ALA A 177 -8.17 3.82 8.54
CA ALA A 177 -9.37 3.12 9.05
C ALA A 177 -9.53 1.68 8.62
N SER A 178 -10.00 0.84 9.51
CA SER A 178 -10.57 -0.44 9.10
C SER A 178 -11.84 -0.30 8.25
N GLN A 179 -12.33 -1.43 7.77
CA GLN A 179 -13.54 -1.48 6.96
C GLN A 179 -14.72 -1.13 7.84
N GLU A 180 -14.66 -1.51 9.11
CA GLU A 180 -15.74 -1.20 10.02
C GLU A 180 -15.89 0.33 10.03
N VAL A 181 -14.74 1.02 10.06
CA VAL A 181 -14.73 2.47 10.20
C VAL A 181 -15.21 3.18 8.97
N LYS A 182 -14.82 2.66 7.81
CA LYS A 182 -15.17 3.32 6.58
C LYS A 182 -16.70 3.20 6.42
N ASN A 183 -17.23 2.02 6.70
CA ASN A 183 -18.66 1.83 6.67
C ASN A 183 -19.37 2.80 7.55
N TRP A 184 -18.80 3.04 8.70
CA TRP A 184 -19.46 3.92 9.57
C TRP A 184 -19.46 5.36 9.02
N MET A 185 -18.35 5.82 8.47
CA MET A 185 -18.31 7.12 7.81
C MET A 185 -19.27 7.24 6.62
N THR A 186 -19.24 6.26 5.74
CA THR A 186 -20.22 6.19 4.69
C THR A 186 -21.63 6.39 5.26
N GLU A 187 -21.97 5.51 6.20
CA GLU A 187 -23.33 5.37 6.69
C GLU A 187 -23.82 6.58 7.41
N THR A 188 -22.91 7.40 7.90
CA THR A 188 -23.21 8.55 8.73
C THR A 188 -23.02 9.88 7.96
N LEU A 189 -21.96 9.99 7.21
CA LEU A 189 -21.65 11.26 6.60
C LEU A 189 -22.29 11.50 5.24
N LEU A 190 -22.46 10.43 4.46
CA LEU A 190 -22.61 10.61 3.01
C LEU A 190 -23.90 11.41 2.69
N VAL A 191 -25.00 10.93 3.26
CA VAL A 191 -26.30 11.57 3.18
C VAL A 191 -26.40 12.73 4.15
N GLN A 192 -25.88 12.60 5.37
CA GLN A 192 -25.94 13.72 6.29
C GLN A 192 -25.32 14.99 5.65
N ASN A 193 -24.26 14.85 4.87
CA ASN A 193 -23.63 16.02 4.20
C ASN A 193 -24.00 16.27 2.74
N ALA A 194 -25.06 15.67 2.25
CA ALA A 194 -25.55 16.12 0.93
C ALA A 194 -26.23 17.47 1.08
N ASN A 195 -26.48 18.12 -0.05
CA ASN A 195 -27.08 19.44 -0.03
C ASN A 195 -28.58 19.27 0.15
N PRO A 196 -29.26 20.33 0.60
CA PRO A 196 -30.64 20.25 1.09
C PRO A 196 -31.62 19.53 0.22
N ASP A 197 -31.65 19.90 -1.05
CA ASP A 197 -32.66 19.43 -1.97
C ASP A 197 -32.57 17.91 -2.14
N CYS A 198 -31.34 17.43 -2.23
CA CYS A 198 -31.09 16.01 -2.49
C CYS A 198 -31.15 15.16 -1.23
N LYS A 199 -30.73 15.75 -0.11
CA LYS A 199 -30.88 15.14 1.21
C LYS A 199 -32.34 14.75 1.49
N THR A 200 -33.28 15.68 1.27
CA THR A 200 -34.70 15.35 1.40
C THR A 200 -35.03 14.11 0.58
N ILE A 201 -34.58 14.06 -0.67
CA ILE A 201 -34.93 12.93 -1.57
C ILE A 201 -34.45 11.65 -0.96
N LEU A 202 -33.26 11.73 -0.38
CA LEU A 202 -32.55 10.56 0.06
C LEU A 202 -33.03 10.08 1.40
N LYS A 203 -33.46 11.00 2.28
CA LYS A 203 -34.06 10.58 3.54
C LYS A 203 -35.16 9.64 3.16
N ALA A 204 -35.92 10.08 2.16
CA ALA A 204 -37.05 9.37 1.64
C ALA A 204 -36.79 8.05 0.92
N LEU A 205 -35.57 7.73 0.49
CA LEU A 205 -35.29 6.38 -0.03
C LEU A 205 -34.98 5.35 1.05
N GLY A 206 -34.47 5.79 2.19
CA GLY A 206 -34.26 4.90 3.34
C GLY A 206 -33.01 4.11 3.13
N PRO A 207 -32.50 3.50 4.21
CA PRO A 207 -31.09 3.08 4.16
C PRO A 207 -30.74 1.75 3.50
N GLY A 208 -31.63 1.19 2.67
CA GLY A 208 -31.31 -0.04 1.91
C GLY A 208 -30.82 0.32 0.52
N ALA A 209 -30.92 1.60 0.20
CA ALA A 209 -30.84 2.05 -1.17
C ALA A 209 -29.43 1.87 -1.65
N THR A 210 -29.24 1.49 -2.93
CA THR A 210 -27.95 1.43 -3.59
C THR A 210 -27.51 2.83 -3.95
N LEU A 211 -26.22 2.96 -4.18
CA LEU A 211 -25.64 4.12 -4.79
C LEU A 211 -26.27 4.41 -6.12
N GLU A 212 -26.50 3.35 -6.90
CA GLU A 212 -26.98 3.51 -8.25
C GLU A 212 -28.30 4.22 -8.14
N GLU A 213 -29.07 3.79 -7.16
CA GLU A 213 -30.41 4.34 -6.84
C GLU A 213 -30.37 5.77 -6.33
N MET A 214 -29.43 6.05 -5.46
CA MET A 214 -29.32 7.35 -4.86
C MET A 214 -28.98 8.36 -5.94
N MET A 215 -28.10 7.92 -6.82
CA MET A 215 -27.58 8.80 -7.85
C MET A 215 -28.61 9.10 -8.87
N THR A 216 -29.30 8.07 -9.29
CA THR A 216 -30.45 8.23 -10.20
C THR A 216 -31.60 9.10 -9.59
N ALA A 217 -31.95 8.81 -8.34
CA ALA A 217 -32.90 9.61 -7.56
C ALA A 217 -32.61 11.11 -7.55
N CYS A 218 -31.34 11.49 -7.48
CA CYS A 218 -30.90 12.91 -7.43
C CYS A 218 -30.38 13.45 -8.77
N GLN A 219 -30.78 12.81 -9.86
CA GLN A 219 -30.24 13.12 -11.17
C GLN A 219 -30.83 14.42 -11.69
N GLY A 220 -32.15 14.44 -11.80
CA GLY A 220 -32.90 15.61 -12.30
C GLY A 220 -32.71 16.85 -11.45
N VAL A 221 -32.85 16.69 -10.12
CA VAL A 221 -32.48 17.74 -9.16
C VAL A 221 -30.97 17.92 -9.16
#